data_8HBM
#
_entry.id   8HBM
#
_cell.length_a   50.650
_cell.length_b   60.016
_cell.length_c   241.797
_cell.angle_alpha   90.000
_cell.angle_beta   90.000
_cell.angle_gamma   90.000
#
_symmetry.space_group_name_H-M   'P 21 21 21'
#
loop_
_entity.id
_entity.type
_entity.pdbx_description
1 polymer 'Retinoic acid receptor RXR-alpha'
2 polymer 'Bile acid receptor'
3 polymer "DNA (5'-D(P*CP*CP*GP*AP*GP*GP*TP*CP*AP*AP*TP*GP*AP*CP*CP*TP*CP*G)-3')"
4 polymer "DNA (5'-D(P*CP*CP*GP*AP*GP*GP*TP*CP*AP*TP*TP*GP*AP*CP*CP*TP*CP*G)-3')"
5 non-polymer 'ZINC ION'
#
loop_
_entity_poly.entity_id
_entity_poly.type
_entity_poly.pdbx_seq_one_letter_code
_entity_poly.pdbx_strand_id
1 'polypeptide(L)'
;LEVLFQGPFTKHICAICGDRSSGKHYGVYSCEGCKGFFKRTVRKDLTYTCRDNKDCLIDKRQRNRCQYCRYQKCLAMGMK
REAVQEERQRG
;
A,E
2 'polypeptide(L)'
;LEVLFQGPSAGRIKGDELCVVCGDRASGYHYNALTCEGCKGFFRRSITKNAVYKCKNGGNCVMDMYMRRKCQECRLRKCK
EMGMLAECMYTGLLTEIQCKSKRLRKNVK
;
B,F
3 'polydeoxyribonucleotide' (DC)(DC)(DG)(DA)(DG)(DG)(DT)(DC)(DA)(DA)(DT)(DG)(DA)(DC)(DC)(DT)(DC)(DG) C,G
4 'polydeoxyribonucleotide' (DC)(DC)(DG)(DA)(DG)(DG)(DT)(DC)(DA)(DT)(DT)(DG)(DA)(DC)(DC)(DT)(DC)(DG) D,H
#
loop_
_chem_comp.id
_chem_comp.type
_chem_comp.name
_chem_comp.formula
DA DNA linking 2'-DEOXYADENOSINE-5'-MONOPHOSPHATE 'C10 H14 N5 O6 P'
DC DNA linking 2'-DEOXYCYTIDINE-5'-MONOPHOSPHATE 'C9 H14 N3 O7 P'
DG DNA linking 2'-DEOXYGUANOSINE-5'-MONOPHOSPHATE 'C10 H14 N5 O7 P'
DT DNA linking THYMIDINE-5'-MONOPHOSPHATE 'C10 H15 N2 O8 P'
ZN non-polymer 'ZINC ION' 'Zn 2'
#
# COMPACT_ATOMS: atom_id res chain seq x y z
N THR A 10 -5.50 37.20 3.16
CA THR A 10 -4.04 37.28 3.25
C THR A 10 -3.61 37.80 4.61
N LYS A 11 -4.29 38.85 5.08
CA LYS A 11 -3.97 39.47 6.37
C LYS A 11 -5.17 39.50 7.31
N HIS A 12 -6.23 38.76 6.99
CA HIS A 12 -7.43 38.76 7.82
C HIS A 12 -7.94 37.34 7.97
N ILE A 13 -8.80 37.13 8.96
CA ILE A 13 -9.35 35.83 9.29
C ILE A 13 -10.81 35.80 8.84
N CYS A 14 -11.19 34.71 8.17
CA CYS A 14 -12.59 34.56 7.76
C CYS A 14 -13.46 34.33 8.99
N ALA A 15 -14.57 35.06 9.06
CA ALA A 15 -15.43 34.98 10.24
C ALA A 15 -16.32 33.75 10.25
N ILE A 16 -16.37 32.99 9.17
CA ILE A 16 -17.24 31.82 9.06
C ILE A 16 -16.45 30.53 9.29
N CYS A 17 -15.37 30.33 8.55
CA CYS A 17 -14.59 29.10 8.65
C CYS A 17 -13.19 29.30 9.22
N GLY A 18 -12.71 30.53 9.33
CA GLY A 18 -11.37 30.78 9.84
C GLY A 18 -10.25 30.72 8.82
N ASP A 19 -10.57 30.75 7.53
CA ASP A 19 -9.56 30.74 6.50
C ASP A 19 -8.95 32.13 6.32
N ARG A 20 -7.92 32.22 5.48
CA ARG A 20 -7.29 33.50 5.21
C ARG A 20 -8.26 34.40 4.46
N SER A 21 -8.53 35.57 5.01
CA SER A 21 -9.44 36.54 4.41
C SER A 21 -8.65 37.70 3.82
N SER A 22 -9.01 38.12 2.61
CA SER A 22 -8.35 39.26 1.99
C SER A 22 -8.88 40.56 2.55
N GLY A 23 -10.19 40.70 2.63
CA GLY A 23 -10.81 41.89 3.20
C GLY A 23 -12.24 41.57 3.58
N LYS A 24 -13.07 42.61 3.60
CA LYS A 24 -14.48 42.46 3.91
C LYS A 24 -15.28 42.21 2.64
N HIS A 25 -16.25 41.30 2.73
CA HIS A 25 -17.15 41.00 1.63
C HIS A 25 -18.56 40.94 2.19
N TYR A 26 -19.46 41.76 1.65
CA TYR A 26 -20.82 41.91 2.16
C TYR A 26 -20.83 42.29 3.63
N GLY A 27 -19.82 43.05 4.06
CA GLY A 27 -19.78 43.60 5.40
C GLY A 27 -18.93 42.83 6.40
N VAL A 28 -18.55 41.59 6.09
CA VAL A 28 -17.86 40.73 7.05
C VAL A 28 -16.57 40.22 6.43
N TYR A 29 -15.55 40.07 7.27
CA TYR A 29 -14.31 39.42 6.84
C TYR A 29 -14.59 37.97 6.47
N SER A 30 -14.27 37.60 5.24
CA SER A 30 -14.50 36.24 4.78
C SER A 30 -13.50 35.90 3.69
N CYS A 31 -13.40 34.60 3.40
CA CYS A 31 -12.50 34.09 2.40
C CYS A 31 -13.18 34.05 1.03
N GLU A 32 -12.43 33.66 0.00
CA GLU A 32 -13.01 33.53 -1.34
C GLU A 32 -14.06 32.44 -1.39
N GLY A 33 -13.95 31.43 -0.52
CA GLY A 33 -14.94 30.35 -0.53
C GLY A 33 -16.28 30.78 0.04
N CYS A 34 -16.26 31.41 1.22
CA CYS A 34 -17.51 31.84 1.84
C CYS A 34 -18.11 33.05 1.13
N LYS A 35 -17.28 33.84 0.46
CA LYS A 35 -17.81 34.98 -0.30
C LYS A 35 -18.68 34.52 -1.45
N GLY A 36 -18.16 33.61 -2.29
CA GLY A 36 -18.94 33.11 -3.40
C GLY A 36 -20.12 32.28 -2.97
N PHE A 37 -19.98 31.53 -1.88
CA PHE A 37 -21.09 30.72 -1.38
C PHE A 37 -22.27 31.60 -0.98
N PHE A 38 -22.00 32.75 -0.36
CA PHE A 38 -23.09 33.65 0.01
C PHE A 38 -23.70 34.32 -1.23
N LYS A 39 -22.87 34.62 -2.23
CA LYS A 39 -23.38 35.25 -3.45
C LYS A 39 -24.25 34.29 -4.24
N ARG A 40 -23.83 33.04 -4.34
CA ARG A 40 -24.58 32.02 -5.08
C ARG A 40 -25.94 31.73 -4.45
N THR A 41 -26.00 31.74 -3.13
CA THR A 41 -27.24 31.46 -2.43
C THR A 41 -28.24 32.59 -2.60
N VAL A 42 -27.77 33.84 -2.64
CA VAL A 42 -28.68 34.97 -2.75
C VAL A 42 -29.11 35.18 -4.19
N ARG A 43 -28.17 35.10 -5.15
CA ARG A 43 -28.50 35.35 -6.54
C ARG A 43 -29.48 34.31 -7.09
N LYS A 44 -29.38 33.07 -6.61
CA LYS A 44 -30.25 32.00 -7.07
C LYS A 44 -31.38 31.69 -6.09
N ASP A 45 -31.38 32.32 -4.91
CA ASP A 45 -32.42 32.14 -3.90
C ASP A 45 -32.59 30.66 -3.54
N LEU A 46 -31.47 29.99 -3.32
CA LEU A 46 -31.51 28.58 -2.97
C LEU A 46 -31.85 28.39 -1.50
N THR A 47 -32.56 27.29 -1.21
CA THR A 47 -32.94 26.94 0.15
C THR A 47 -32.32 25.59 0.50
N TYR A 48 -31.48 25.58 1.52
CA TYR A 48 -30.78 24.37 1.93
C TYR A 48 -31.50 23.69 3.09
N THR A 49 -31.22 22.41 3.26
CA THR A 49 -31.86 21.59 4.31
C THR A 49 -30.77 20.80 5.02
N CYS A 50 -30.58 21.08 6.30
CA CYS A 50 -29.60 20.35 7.09
C CYS A 50 -30.04 18.90 7.30
N ARG A 51 -29.06 18.01 7.33
CA ARG A 51 -29.30 16.58 7.54
C ARG A 51 -29.13 16.16 8.99
N ASP A 52 -28.77 17.09 9.88
CA ASP A 52 -28.58 16.77 11.29
C ASP A 52 -29.39 17.76 12.12
N ASN A 53 -28.97 17.97 13.37
CA ASN A 53 -29.67 18.82 14.32
C ASN A 53 -29.44 20.32 14.06
N LYS A 54 -28.96 20.69 12.87
CA LYS A 54 -28.77 22.09 12.48
C LYS A 54 -27.64 22.75 13.24
N ASP A 55 -26.65 21.95 13.67
CA ASP A 55 -25.53 22.43 14.46
C ASP A 55 -24.20 21.94 13.88
N CYS A 56 -24.16 21.72 12.57
CA CYS A 56 -22.93 21.27 11.92
C CYS A 56 -21.82 22.31 12.07
N LEU A 57 -20.64 21.84 12.43
CA LEU A 57 -19.50 22.73 12.61
C LEU A 57 -18.98 23.20 11.26
N ILE A 58 -18.66 24.49 11.18
CA ILE A 58 -18.15 25.11 9.95
C ILE A 58 -16.75 25.64 10.25
N ASP A 59 -15.74 25.02 9.66
CA ASP A 59 -14.35 25.42 9.86
C ASP A 59 -13.63 25.31 8.52
N LYS A 60 -12.31 25.47 8.56
CA LYS A 60 -11.51 25.42 7.34
C LYS A 60 -11.72 24.14 6.54
N ARG A 61 -11.87 23.01 7.23
CA ARG A 61 -11.82 21.72 6.56
C ARG A 61 -13.18 21.09 6.28
N GLN A 62 -14.21 21.41 7.07
CA GLN A 62 -15.52 20.80 6.86
C GLN A 62 -16.60 21.88 6.71
N ARG A 63 -16.25 22.99 6.05
CA ARG A 63 -17.26 24.00 5.75
C ARG A 63 -18.23 23.50 4.70
N ASN A 64 -17.78 22.65 3.78
CA ASN A 64 -18.63 22.10 2.73
C ASN A 64 -19.50 20.95 3.21
N ARG A 65 -19.46 20.63 4.52
CA ARG A 65 -20.21 19.50 5.03
C ARG A 65 -21.71 19.71 4.86
N CYS A 66 -22.25 20.75 5.50
CA CYS A 66 -23.68 21.05 5.45
C CYS A 66 -23.86 22.47 4.91
N GLN A 67 -24.58 22.58 3.79
CA GLN A 67 -24.82 23.89 3.19
C GLN A 67 -25.75 24.74 4.06
N TYR A 68 -26.65 24.11 4.82
CA TYR A 68 -27.59 24.86 5.65
C TYR A 68 -26.87 25.60 6.76
N CYS A 69 -26.13 24.88 7.59
CA CYS A 69 -25.44 25.50 8.72
C CYS A 69 -24.33 26.44 8.26
N ARG A 70 -23.82 26.27 7.03
CA ARG A 70 -22.84 27.23 6.53
C ARG A 70 -23.50 28.55 6.18
N TYR A 71 -24.67 28.49 5.54
CA TYR A 71 -25.40 29.72 5.24
C TYR A 71 -25.93 30.37 6.51
N GLN A 72 -26.31 29.57 7.51
CA GLN A 72 -26.81 30.14 8.76
C GLN A 72 -25.72 30.86 9.52
N LYS A 73 -24.47 30.38 9.46
CA LYS A 73 -23.39 31.10 10.09
C LYS A 73 -23.10 32.40 9.38
N CYS A 74 -23.26 32.44 8.05
CA CYS A 74 -23.05 33.68 7.31
C CYS A 74 -24.02 34.75 7.76
N LEU A 75 -25.29 34.38 7.95
CA LEU A 75 -26.27 35.33 8.48
C LEU A 75 -26.00 35.65 9.95
N ALA A 76 -25.48 34.69 10.71
CA ALA A 76 -25.18 34.95 12.11
C ALA A 76 -23.99 35.89 12.27
N MET A 77 -23.00 35.79 11.39
CA MET A 77 -21.86 36.69 11.43
C MET A 77 -22.15 38.07 10.84
N GLY A 78 -23.40 38.35 10.50
CA GLY A 78 -23.77 39.69 10.06
C GLY A 78 -23.60 39.98 8.59
N MET A 79 -23.62 38.96 7.73
CA MET A 79 -23.53 39.20 6.30
C MET A 79 -24.86 39.77 5.80
N LYS A 80 -24.78 40.91 5.12
CA LYS A 80 -25.97 41.58 4.61
C LYS A 80 -26.37 40.97 3.27
N ARG A 81 -27.58 40.39 3.22
CA ARG A 81 -28.06 39.82 1.98
C ARG A 81 -28.32 40.91 0.93
N GLU A 82 -28.70 42.11 1.36
CA GLU A 82 -28.93 43.21 0.43
C GLU A 82 -27.65 43.70 -0.23
N ALA A 83 -26.49 43.37 0.34
CA ALA A 83 -25.22 43.76 -0.25
C ALA A 83 -24.93 43.06 -1.56
N VAL A 84 -25.74 42.07 -1.94
CA VAL A 84 -25.54 41.32 -3.17
C VAL A 84 -26.36 42.00 -4.26
N GLN A 85 -25.66 42.63 -5.21
CA GLN A 85 -26.32 43.29 -6.33
C GLN A 85 -26.98 42.28 -7.25
N GLU A 86 -27.70 42.77 -8.25
CA GLU A 86 -28.34 41.92 -9.24
C GLU A 86 -27.37 41.60 -10.36
N GLU A 87 -27.61 40.48 -11.03
CA GLU A 87 -26.71 40.02 -12.09
C GLU A 87 -26.74 41.00 -13.26
N ARG A 88 -25.55 41.41 -13.69
CA ARG A 88 -25.41 42.36 -14.79
C ARG A 88 -25.57 41.67 -16.14
N ASP B 16 -17.20 5.01 12.93
CA ASP B 16 -17.22 5.07 11.48
C ASP B 16 -15.82 4.93 10.91
N GLU B 17 -15.74 4.48 9.66
CA GLU B 17 -14.46 4.31 8.98
C GLU B 17 -14.10 5.59 8.24
N LEU B 18 -12.80 5.94 8.29
CA LEU B 18 -12.32 7.17 7.70
C LEU B 18 -11.41 6.88 6.51
N CYS B 19 -11.35 7.84 5.59
CA CYS B 19 -10.47 7.72 4.43
C CYS B 19 -9.01 7.82 4.87
N VAL B 20 -8.21 6.84 4.48
CA VAL B 20 -6.82 6.77 4.95
C VAL B 20 -5.97 7.89 4.38
N VAL B 21 -6.44 8.59 3.34
CA VAL B 21 -5.65 9.64 2.71
C VAL B 21 -5.86 10.98 3.41
N CYS B 22 -7.11 11.41 3.56
CA CYS B 22 -7.40 12.73 4.12
C CYS B 22 -8.12 12.68 5.46
N GLY B 23 -8.71 11.56 5.85
CA GLY B 23 -9.43 11.46 7.09
C GLY B 23 -10.91 11.75 6.99
N ASP B 24 -11.46 11.92 5.79
CA ASP B 24 -12.88 12.12 5.62
C ASP B 24 -13.62 10.78 5.70
N ARG B 25 -14.95 10.87 5.77
CA ARG B 25 -15.79 9.68 5.81
C ARG B 25 -15.61 8.84 4.56
N ALA B 26 -14.94 7.70 4.68
CA ALA B 26 -14.68 6.84 3.54
C ALA B 26 -15.97 6.17 3.07
N SER B 27 -16.05 5.94 1.76
CA SER B 27 -17.23 5.34 1.14
C SER B 27 -16.96 3.91 0.68
N GLY B 28 -15.92 3.27 1.20
CA GLY B 28 -15.54 1.93 0.81
C GLY B 28 -14.14 1.89 0.24
N TYR B 29 -13.80 0.74 -0.33
CA TYR B 29 -12.47 0.53 -0.89
C TYR B 29 -12.49 0.92 -2.37
N HIS B 30 -11.61 1.83 -2.74
CA HIS B 30 -11.47 2.30 -4.11
C HIS B 30 -10.02 2.18 -4.51
N TYR B 31 -9.74 1.41 -5.56
CA TYR B 31 -8.39 1.21 -6.09
C TYR B 31 -7.46 0.68 -5.00
N ASN B 32 -7.92 -0.37 -4.32
CA ASN B 32 -7.13 -1.09 -3.31
C ASN B 32 -6.78 -0.19 -2.12
N ALA B 33 -7.74 0.64 -1.70
CA ALA B 33 -7.54 1.50 -0.56
C ALA B 33 -8.89 1.99 -0.05
N LEU B 34 -9.03 2.08 1.27
CA LEU B 34 -10.23 2.62 1.90
C LEU B 34 -10.17 4.13 1.82
N THR B 35 -10.85 4.70 0.83
CA THR B 35 -10.80 6.13 0.57
C THR B 35 -12.22 6.68 0.50
N CYS B 36 -12.30 8.00 0.42
CA CYS B 36 -13.56 8.73 0.27
C CYS B 36 -13.82 9.06 -1.19
N GLU B 37 -15.04 9.53 -1.47
CA GLU B 37 -15.40 9.89 -2.83
C GLU B 37 -14.51 11.00 -3.37
N GLY B 38 -14.02 11.88 -2.50
CA GLY B 38 -13.14 12.95 -2.95
C GLY B 38 -11.79 12.42 -3.42
N CYS B 39 -11.16 11.59 -2.59
CA CYS B 39 -9.86 11.04 -2.97
C CYS B 39 -9.98 9.99 -4.06
N LYS B 40 -11.11 9.32 -4.15
CA LYS B 40 -11.31 8.34 -5.23
C LYS B 40 -11.34 9.03 -6.59
N GLY B 41 -12.09 10.14 -6.70
CA GLY B 41 -12.14 10.85 -7.96
C GLY B 41 -10.83 11.54 -8.30
N PHE B 42 -10.13 12.05 -7.28
CA PHE B 42 -8.86 12.71 -7.53
C PHE B 42 -7.81 11.73 -8.05
N PHE B 43 -7.74 10.54 -7.45
CA PHE B 43 -6.74 9.56 -7.89
C PHE B 43 -7.07 9.03 -9.28
N ARG B 44 -8.35 9.04 -9.67
CA ARG B 44 -8.71 8.59 -11.01
C ARG B 44 -8.32 9.60 -12.07
N ARG B 45 -8.48 10.88 -11.76
CA ARG B 45 -8.12 11.93 -12.72
C ARG B 45 -6.61 12.08 -12.85
N SER B 46 -5.86 11.79 -11.77
CA SER B 46 -4.42 11.99 -11.79
C SER B 46 -3.72 11.01 -12.73
N ILE B 47 -4.09 9.72 -12.64
CA ILE B 47 -3.43 8.73 -13.47
C ILE B 47 -3.88 8.86 -14.93
N THR B 48 -5.14 9.22 -15.14
CA THR B 48 -5.65 9.35 -16.50
C THR B 48 -4.94 10.47 -17.26
N LYS B 49 -4.69 11.59 -16.60
CA LYS B 49 -4.06 12.73 -17.26
C LYS B 49 -2.54 12.73 -17.14
N ASN B 50 -1.96 11.79 -16.39
CA ASN B 50 -0.52 11.74 -16.16
C ASN B 50 0.01 13.08 -15.66
N ALA B 51 -0.78 13.73 -14.80
CA ALA B 51 -0.45 15.07 -14.35
C ALA B 51 0.73 15.05 -13.38
N VAL B 52 1.60 16.04 -13.50
CA VAL B 52 2.74 16.22 -12.60
C VAL B 52 2.55 17.56 -11.89
N TYR B 53 2.51 17.53 -10.57
CA TYR B 53 2.25 18.72 -9.78
C TYR B 53 3.54 19.25 -9.17
N LYS B 54 3.47 20.49 -8.66
CA LYS B 54 4.61 21.13 -8.01
C LYS B 54 4.14 21.75 -6.70
N CYS B 55 4.68 21.25 -5.60
CA CYS B 55 4.31 21.75 -4.28
C CYS B 55 4.99 23.08 -3.99
N LYS B 56 4.21 24.03 -3.47
CA LYS B 56 4.72 25.33 -3.09
C LYS B 56 5.05 25.43 -1.61
N ASN B 57 5.04 24.30 -0.89
CA ASN B 57 5.37 24.27 0.53
C ASN B 57 6.46 23.28 0.86
N GLY B 58 7.19 22.78 -0.13
CA GLY B 58 8.31 21.88 0.10
C GLY B 58 7.94 20.42 0.25
N GLY B 59 6.80 20.00 -0.26
CA GLY B 59 6.46 18.58 -0.27
C GLY B 59 6.24 17.96 1.09
N ASN B 60 5.86 18.76 2.08
CA ASN B 60 5.64 18.24 3.43
C ASN B 60 4.26 18.64 3.96
N CYS B 61 3.30 18.84 3.06
CA CYS B 61 1.96 19.24 3.47
C CYS B 61 1.25 18.08 4.19
N VAL B 62 0.80 18.33 5.41
CA VAL B 62 0.02 17.34 6.14
C VAL B 62 -1.37 17.26 5.53
N MET B 63 -1.81 16.05 5.20
CA MET B 63 -3.03 15.84 4.44
C MET B 63 -4.25 15.81 5.37
N ASP B 64 -5.23 16.65 5.05
CA ASP B 64 -6.51 16.66 5.75
C ASP B 64 -7.59 17.10 4.76
N MET B 65 -8.80 17.33 5.27
CA MET B 65 -9.90 17.73 4.40
C MET B 65 -9.66 19.09 3.76
N TYR B 66 -8.90 19.97 4.42
CA TYR B 66 -8.64 21.30 3.90
C TYR B 66 -7.42 21.31 2.98
N MET B 67 -6.36 20.59 3.35
CA MET B 67 -5.12 20.59 2.58
C MET B 67 -5.20 19.76 1.32
N ARG B 68 -6.24 18.94 1.13
CA ARG B 68 -6.35 18.14 -0.07
C ARG B 68 -6.76 18.96 -1.29
N ARG B 69 -7.43 20.10 -1.08
CA ARG B 69 -7.75 21.01 -2.16
C ARG B 69 -6.61 22.00 -2.44
N LYS B 70 -5.69 22.17 -1.49
CA LYS B 70 -4.60 23.12 -1.67
C LYS B 70 -3.45 22.52 -2.46
N CYS B 71 -2.82 21.49 -1.91
CA CYS B 71 -1.64 20.88 -2.51
C CYS B 71 -2.01 19.55 -3.14
N GLN B 72 -1.88 19.46 -4.47
CA GLN B 72 -2.16 18.23 -5.19
C GLN B 72 -0.97 17.29 -5.25
N GLU B 73 0.25 17.80 -5.05
CA GLU B 73 1.43 16.94 -5.04
C GLU B 73 1.44 16.05 -3.80
N CYS B 74 1.31 16.66 -2.62
CA CYS B 74 1.31 15.89 -1.39
C CYS B 74 0.06 15.00 -1.28
N ARG B 75 -1.00 15.31 -2.02
CA ARG B 75 -2.18 14.46 -2.02
C ARG B 75 -1.95 13.20 -2.84
N LEU B 76 -1.46 13.36 -4.08
CA LEU B 76 -1.19 12.20 -4.92
C LEU B 76 -0.10 11.32 -4.31
N ARG B 77 0.88 11.93 -3.63
CA ARG B 77 1.89 11.14 -2.94
C ARG B 77 1.30 10.37 -1.79
N LYS B 78 0.34 10.95 -1.08
CA LYS B 78 -0.31 10.26 0.03
C LYS B 78 -1.10 9.05 -0.47
N CYS B 79 -1.74 9.19 -1.64
CA CYS B 79 -2.52 8.07 -2.18
C CYS B 79 -1.63 6.91 -2.57
N LYS B 80 -0.52 7.20 -3.26
CA LYS B 80 0.43 6.14 -3.62
C LYS B 80 1.09 5.54 -2.38
N GLU B 81 1.23 6.32 -1.32
CA GLU B 81 1.79 5.79 -0.08
C GLU B 81 0.80 4.89 0.65
N MET B 82 -0.49 5.09 0.44
CA MET B 82 -1.52 4.26 1.05
C MET B 82 -1.91 3.07 0.18
N GLY B 83 -1.18 2.81 -0.91
CA GLY B 83 -1.39 1.61 -1.68
C GLY B 83 -2.46 1.67 -2.74
N MET B 84 -2.75 2.86 -3.29
CA MET B 84 -3.74 2.98 -4.35
C MET B 84 -3.12 2.50 -5.66
N LEU B 85 -3.56 1.34 -6.14
CA LEU B 85 -3.00 0.76 -7.35
C LEU B 85 -3.65 1.36 -8.59
N ALA B 86 -2.87 1.44 -9.67
CA ALA B 86 -3.30 2.04 -10.93
C ALA B 86 -3.05 1.05 -12.06
N GLU B 87 -3.83 -0.04 -12.07
CA GLU B 87 -3.74 -1.06 -13.10
C GLU B 87 -4.92 -1.03 -14.05
N CYS B 88 -5.88 -0.13 -13.86
CA CYS B 88 -7.06 -0.05 -14.71
C CYS B 88 -6.81 0.87 -15.90
N LYS E 11 4.46 -39.55 0.83
CA LYS E 11 3.81 -40.13 2.00
C LYS E 11 4.81 -40.32 3.14
N HIS E 12 5.99 -39.71 2.99
CA HIS E 12 7.05 -39.83 3.98
C HIS E 12 7.65 -38.44 4.16
N ILE E 13 8.39 -38.26 5.24
CA ILE E 13 8.98 -36.98 5.60
C ILE E 13 10.46 -37.01 5.27
N CYS E 14 10.96 -35.94 4.67
CA CYS E 14 12.37 -35.84 4.32
C CYS E 14 13.23 -35.79 5.57
N ALA E 15 14.31 -36.58 5.57
CA ALA E 15 15.17 -36.70 6.73
C ALA E 15 16.14 -35.54 6.91
N ILE E 16 16.26 -34.65 5.93
CA ILE E 16 17.20 -33.53 6.01
C ILE E 16 16.50 -32.24 6.40
N CYS E 17 15.43 -31.87 5.68
CA CYS E 17 14.71 -30.63 5.93
C CYS E 17 13.31 -30.82 6.46
N GLY E 18 12.78 -32.05 6.43
CA GLY E 18 11.44 -32.31 6.89
C GLY E 18 10.34 -32.12 5.86
N ASP E 19 10.69 -32.02 4.58
CA ASP E 19 9.70 -31.87 3.53
C ASP E 19 9.07 -33.22 3.18
N ARG E 20 8.06 -33.16 2.31
CA ARG E 20 7.37 -34.38 1.87
C ARG E 20 8.33 -35.23 1.04
N SER E 21 8.51 -36.49 1.44
CA SER E 21 9.40 -37.40 0.74
C SER E 21 8.60 -38.46 -0.03
N GLY E 23 10.28 -41.20 -1.85
CA GLY E 23 10.89 -42.40 -1.31
C GLY E 23 12.31 -42.18 -0.82
N LYS E 24 13.11 -43.24 -0.82
CA LYS E 24 14.50 -43.17 -0.41
C LYS E 24 15.38 -42.85 -1.61
N HIS E 25 16.36 -41.98 -1.38
CA HIS E 25 17.31 -41.58 -2.42
C HIS E 25 18.71 -41.58 -1.84
N TYR E 26 19.62 -42.31 -2.47
CA TYR E 26 20.99 -42.50 -1.99
C TYR E 26 21.01 -43.09 -0.58
N GLY E 27 20.01 -43.92 -0.27
CA GLY E 27 19.97 -44.65 0.98
C GLY E 27 19.09 -44.01 2.05
N VAL E 28 18.69 -42.76 1.87
CA VAL E 28 17.97 -42.02 2.90
C VAL E 28 16.68 -41.48 2.32
N TYR E 29 15.63 -41.47 3.13
CA TYR E 29 14.38 -40.81 2.77
C TYR E 29 14.61 -39.31 2.66
N SER E 30 14.33 -38.75 1.48
CA SER E 30 14.54 -37.34 1.25
C SER E 30 13.58 -36.84 0.17
N CYS E 31 13.47 -35.53 0.07
CA CYS E 31 12.61 -34.89 -0.90
C CYS E 31 13.37 -34.68 -2.21
N GLU E 32 12.67 -34.16 -3.23
CA GLU E 32 13.31 -33.88 -4.50
C GLU E 32 14.38 -32.79 -4.35
N GLY E 33 14.24 -31.91 -3.37
CA GLY E 33 15.21 -30.84 -3.20
C GLY E 33 16.53 -31.34 -2.64
N CYS E 34 16.48 -32.13 -1.56
CA CYS E 34 17.71 -32.63 -0.96
C CYS E 34 18.35 -33.72 -1.81
N LYS E 35 17.55 -34.44 -2.59
CA LYS E 35 18.10 -35.45 -3.48
C LYS E 35 18.95 -34.81 -4.57
N GLY E 36 18.38 -33.84 -5.29
CA GLY E 36 19.12 -33.16 -6.34
C GLY E 36 20.26 -32.32 -5.84
N PHE E 37 20.11 -31.70 -4.66
CA PHE E 37 21.19 -30.92 -4.09
C PHE E 37 22.42 -31.79 -3.81
N PHE E 38 22.20 -33.01 -3.31
CA PHE E 38 23.30 -33.92 -3.08
C PHE E 38 23.90 -34.43 -4.39
N LYS E 39 23.07 -34.62 -5.41
CA LYS E 39 23.57 -35.09 -6.70
C LYS E 39 24.44 -34.05 -7.38
N ARG E 40 24.01 -32.78 -7.37
CA ARG E 40 24.79 -31.73 -8.00
C ARG E 40 26.12 -31.53 -7.29
N THR E 41 26.12 -31.60 -5.95
CA THR E 41 27.36 -31.41 -5.20
C THR E 41 28.36 -32.51 -5.48
N VAL E 42 27.89 -33.74 -5.67
CA VAL E 42 28.80 -34.86 -5.90
C VAL E 42 29.26 -34.90 -7.35
N ARG E 43 28.32 -34.69 -8.29
CA ARG E 43 28.66 -34.78 -9.70
C ARG E 43 29.64 -33.68 -10.13
N LYS E 44 29.56 -32.50 -9.50
CA LYS E 44 30.43 -31.39 -9.84
C LYS E 44 31.59 -31.20 -8.88
N ASP E 45 31.64 -31.98 -7.78
CA ASP E 45 32.72 -31.90 -6.80
C ASP E 45 32.86 -30.48 -6.25
N LEU E 46 31.74 -29.87 -5.91
CA LEU E 46 31.74 -28.51 -5.38
C LEU E 46 32.11 -28.51 -3.90
N THR E 47 32.79 -27.44 -3.48
CA THR E 47 33.20 -27.26 -2.09
C THR E 47 32.53 -25.99 -1.56
N TYR E 48 31.72 -26.14 -0.53
CA TYR E 48 30.99 -25.03 0.06
C TYR E 48 31.70 -24.52 1.30
N THR E 49 31.40 -23.29 1.67
CA THR E 49 32.02 -22.61 2.81
C THR E 49 30.94 -21.94 3.64
N CYS E 50 30.77 -22.41 4.88
CA CYS E 50 29.80 -21.81 5.77
C CYS E 50 30.22 -20.40 6.17
N ARG E 51 29.23 -19.54 6.41
CA ARG E 51 29.51 -18.17 6.79
C ARG E 51 29.72 -18.04 8.29
N ASP E 52 28.92 -18.74 9.09
CA ASP E 52 28.87 -18.59 10.53
C ASP E 52 29.51 -19.81 11.21
N ASN E 53 29.06 -20.11 12.42
CA ASN E 53 29.66 -21.12 13.29
C ASN E 53 29.38 -22.56 12.86
N LYS E 54 28.89 -22.77 11.63
CA LYS E 54 28.73 -24.11 11.04
C LYS E 54 27.50 -24.82 11.62
N ASP E 55 26.53 -24.07 12.12
CA ASP E 55 25.34 -24.66 12.73
C ASP E 55 24.05 -24.12 12.14
N CYS E 56 24.07 -23.75 10.86
CA CYS E 56 22.87 -23.24 10.20
C CYS E 56 21.77 -24.30 10.20
N LEU E 57 20.56 -23.90 10.57
CA LEU E 57 19.44 -24.82 10.62
C LEU E 57 18.94 -25.14 9.21
N ILE E 58 18.61 -26.41 8.99
CA ILE E 58 18.12 -26.89 7.70
C ILE E 58 16.71 -27.40 7.92
N ASP E 59 15.73 -26.68 7.36
CA ASP E 59 14.33 -27.04 7.51
C ASP E 59 13.62 -26.79 6.18
N LYS E 60 12.30 -26.92 6.19
CA LYS E 60 11.51 -26.71 4.97
C LYS E 60 11.72 -25.31 4.39
N ARG E 61 11.88 -24.31 5.25
CA ARG E 61 11.88 -22.91 4.82
C ARG E 61 13.26 -22.30 4.71
N GLN E 62 14.25 -22.81 5.45
CA GLN E 62 15.59 -22.23 5.43
C GLN E 62 16.65 -23.27 5.08
N ARG E 63 16.31 -24.22 4.20
CA ARG E 63 17.32 -25.15 3.72
C ARG E 63 18.32 -24.49 2.79
N ASN E 64 17.88 -23.49 2.03
CA ASN E 64 18.73 -22.78 1.08
C ASN E 64 19.61 -21.73 1.74
N ARG E 65 19.59 -21.61 3.07
CA ARG E 65 20.35 -20.56 3.74
C ARG E 65 21.86 -20.75 3.52
N CYS E 66 22.39 -21.86 4.01
CA CYS E 66 23.82 -22.15 3.90
C CYS E 66 23.99 -23.48 3.18
N GLN E 67 24.69 -23.46 2.04
CA GLN E 67 24.92 -24.69 1.30
C GLN E 67 25.86 -25.64 2.04
N TYR E 68 26.77 -25.11 2.86
CA TYR E 68 27.72 -25.96 3.56
C TYR E 68 27.02 -26.85 4.58
N CYS E 69 26.27 -26.25 5.51
CA CYS E 69 25.60 -27.02 6.54
C CYS E 69 24.48 -27.89 5.96
N ARG E 70 23.98 -27.55 4.76
CA ARG E 70 23.00 -28.42 4.10
C ARG E 70 23.65 -29.68 3.57
N TYR E 71 24.84 -29.55 2.97
CA TYR E 71 25.56 -30.72 2.49
C TYR E 71 26.09 -31.58 3.63
N GLN E 72 26.49 -30.95 4.73
CA GLN E 72 26.99 -31.72 5.87
C GLN E 72 25.89 -32.51 6.56
N LYS E 73 24.67 -31.96 6.61
CA LYS E 73 23.56 -32.73 7.16
C LYS E 73 23.19 -33.91 6.27
N CYS E 74 23.31 -33.75 4.95
CA CYS E 74 23.03 -34.86 4.05
C CYS E 74 23.99 -36.02 4.30
N LEU E 75 25.28 -35.72 4.49
CA LEU E 75 26.22 -36.77 4.86
C LEU E 75 25.97 -37.28 6.27
N ALA E 76 25.49 -36.41 7.17
CA ALA E 76 25.16 -36.83 8.52
C ALA E 76 23.93 -37.73 8.52
N MET E 77 22.98 -37.48 7.63
CA MET E 77 21.79 -38.32 7.50
C MET E 77 22.08 -39.63 6.78
N GLY E 78 23.34 -39.93 6.48
CA GLY E 78 23.70 -41.22 5.93
C GLY E 78 23.59 -41.37 4.43
N MET E 79 23.64 -40.27 3.69
CA MET E 79 23.61 -40.35 2.23
C MET E 79 24.94 -40.85 1.70
N LYS E 80 24.90 -41.90 0.88
CA LYS E 80 26.11 -42.47 0.33
C LYS E 80 26.53 -41.69 -0.91
N ARG E 81 27.72 -41.08 -0.84
CA ARG E 81 28.22 -40.32 -1.99
C ARG E 81 28.54 -41.23 -3.17
N GLU E 82 28.97 -42.47 -2.90
CA GLU E 82 29.27 -43.40 -3.97
C GLU E 82 28.01 -43.88 -4.69
N ALA E 83 26.83 -43.71 -4.08
CA ALA E 83 25.58 -44.12 -4.71
C ALA E 83 25.23 -43.30 -5.94
N VAL E 84 25.95 -42.21 -6.21
CA VAL E 84 25.68 -41.36 -7.36
C VAL E 84 26.52 -41.87 -8.53
N GLN E 85 25.86 -42.45 -9.53
CA GLN E 85 26.56 -42.97 -10.70
C GLN E 85 27.16 -41.83 -11.52
N GLU E 86 27.89 -42.20 -12.56
CA GLU E 86 28.53 -41.23 -13.45
C GLU E 86 27.57 -40.78 -14.55
N GLU E 87 27.82 -39.58 -15.07
CA GLU E 87 26.96 -39.00 -16.08
C GLU E 87 27.04 -39.81 -17.38
N ARG E 88 25.88 -40.15 -17.92
CA ARG E 88 25.82 -40.93 -19.15
C ARG E 88 26.04 -40.04 -20.37
N ASP F 16 17.47 -6.84 13.11
CA ASP F 16 17.56 -6.91 11.66
C ASP F 16 16.16 -6.80 11.04
N GLU F 17 16.10 -6.36 9.79
CA GLU F 17 14.84 -6.18 9.09
C GLU F 17 14.43 -7.45 8.35
N LEU F 18 13.14 -7.76 8.39
CA LEU F 18 12.57 -8.94 7.76
C LEU F 18 11.66 -8.51 6.61
N CYS F 19 11.52 -9.38 5.62
CA CYS F 19 10.63 -9.12 4.50
C CYS F 19 9.18 -9.19 4.95
N VAL F 20 8.42 -8.12 4.68
CA VAL F 20 7.04 -8.05 5.17
C VAL F 20 6.14 -9.07 4.49
N VAL F 21 6.55 -9.63 3.37
CA VAL F 21 5.72 -10.58 2.63
C VAL F 21 5.89 -12.00 3.14
N CYS F 22 7.13 -12.50 3.19
CA CYS F 22 7.39 -13.87 3.56
C CYS F 22 8.15 -14.03 4.87
N GLY F 23 8.77 -12.98 5.39
CA GLY F 23 9.55 -13.06 6.60
C GLY F 23 11.02 -13.35 6.42
N ASP F 24 11.51 -13.35 5.19
CA ASP F 24 12.93 -13.54 4.95
C ASP F 24 13.70 -12.26 5.22
N ARG F 25 15.03 -12.37 5.25
CA ARG F 25 15.89 -11.22 5.46
C ARG F 25 15.73 -10.20 4.35
N ALA F 26 15.05 -9.09 4.64
CA ALA F 26 14.81 -8.06 3.64
C ALA F 26 16.09 -7.31 3.32
N SER F 27 16.20 -6.88 2.07
CA SER F 27 17.37 -6.16 1.57
C SER F 27 17.08 -4.68 1.33
N GLY F 28 16.01 -4.16 1.93
CA GLY F 28 15.60 -2.78 1.75
C GLY F 28 14.21 -2.69 1.16
N TYR F 29 13.84 -1.47 0.76
CA TYR F 29 12.52 -1.21 0.21
C TYR F 29 12.57 -1.38 -1.31
N HIS F 30 11.70 -2.27 -1.82
CA HIS F 30 11.59 -2.51 -3.25
C HIS F 30 10.14 -2.39 -3.65
N TYR F 31 9.84 -1.47 -4.58
CA TYR F 31 8.49 -1.23 -5.07
C TYR F 31 7.54 -0.87 -3.93
N ASN F 32 7.98 0.08 -3.10
CA ASN F 32 7.17 0.64 -2.01
C ASN F 32 6.82 -0.42 -0.98
N ALA F 33 7.78 -1.28 -0.66
CA ALA F 33 7.57 -2.32 0.35
C ALA F 33 8.92 -2.86 0.80
N LEU F 34 9.03 -3.14 2.09
CA LEU F 34 10.24 -3.74 2.65
C LEU F 34 10.21 -5.23 2.37
N THR F 35 10.90 -5.64 1.31
CA THR F 35 10.90 -7.03 0.87
C THR F 35 12.32 -7.52 0.71
N CYS F 36 12.44 -8.81 0.45
CA CYS F 36 13.72 -9.47 0.20
C CYS F 36 13.97 -9.58 -1.29
N GLU F 37 15.19 -9.99 -1.64
CA GLU F 37 15.55 -10.14 -3.05
C GLU F 37 14.68 -11.18 -3.76
N GLY F 38 14.19 -12.18 -3.02
CA GLY F 38 13.32 -13.17 -3.63
C GLY F 38 11.98 -12.60 -4.03
N CYS F 39 11.34 -11.87 -3.11
CA CYS F 39 10.04 -11.28 -3.40
C CYS F 39 10.14 -10.10 -4.36
N LYS F 40 11.29 -9.42 -4.37
CA LYS F 40 11.48 -8.31 -5.30
C LYS F 40 11.48 -8.81 -6.74
N GLY F 41 12.21 -9.89 -7.02
CA GLY F 41 12.23 -10.46 -8.35
C GLY F 41 10.92 -11.11 -8.73
N PHE F 42 10.23 -11.72 -7.76
CA PHE F 42 8.95 -12.35 -8.05
C PHE F 42 7.90 -11.32 -8.46
N PHE F 43 7.85 -10.19 -7.76
CA PHE F 43 6.87 -9.16 -8.11
C PHE F 43 7.18 -8.51 -9.45
N ARG F 44 8.45 -8.49 -9.85
CA ARG F 44 8.84 -7.92 -11.13
C ARG F 44 8.46 -8.84 -12.28
N SER F 46 6.12 -10.94 -12.61
CA SER F 46 4.68 -11.18 -12.64
C SER F 46 3.95 -10.10 -13.45
N ILE F 47 4.29 -8.84 -13.17
CA ILE F 47 3.62 -7.74 -13.86
C ILE F 47 4.11 -7.63 -15.31
N THR F 48 5.39 -7.93 -15.54
CA THR F 48 5.94 -7.82 -16.89
C THR F 48 5.26 -8.82 -17.83
N LYS F 49 5.02 -10.04 -17.36
CA LYS F 49 4.41 -11.08 -18.18
C LYS F 49 2.90 -11.12 -18.06
N ASN F 50 2.31 -10.28 -17.19
CA ASN F 50 0.87 -10.28 -16.94
C ASN F 50 0.37 -11.67 -16.57
N ALA F 51 1.18 -12.39 -15.80
CA ALA F 51 0.89 -13.78 -15.49
C ALA F 51 -0.28 -13.88 -14.50
N VAL F 52 -1.14 -14.87 -14.73
CA VAL F 52 -2.26 -15.16 -13.86
C VAL F 52 -2.06 -16.58 -13.33
N TYR F 53 -2.02 -16.70 -12.00
CA TYR F 53 -1.75 -17.97 -11.34
C TYR F 53 -3.05 -18.59 -10.84
N LYS F 54 -2.95 -19.86 -10.44
CA LYS F 54 -4.08 -20.62 -9.92
C LYS F 54 -3.65 -21.31 -8.64
N CYS F 55 -4.28 -20.95 -7.53
CA CYS F 55 -3.93 -21.53 -6.24
C CYS F 55 -4.48 -22.94 -6.11
N LYS F 56 -3.66 -23.85 -5.58
CA LYS F 56 -4.06 -25.22 -5.35
C LYS F 56 -4.53 -25.45 -3.92
N ASN F 57 -4.68 -24.38 -3.13
CA ASN F 57 -5.22 -24.48 -1.79
C ASN F 57 -6.35 -23.48 -1.53
N GLY F 58 -6.86 -22.82 -2.58
CA GLY F 58 -7.99 -21.93 -2.41
C GLY F 58 -7.65 -20.52 -1.97
N GLY F 59 -6.44 -20.05 -2.25
CA GLY F 59 -6.08 -18.68 -1.90
C GLY F 59 -5.98 -18.42 -0.41
N ASN F 60 -5.66 -19.46 0.38
CA ASN F 60 -5.52 -19.31 1.82
C ASN F 60 -4.17 -19.83 2.30
N CYS F 61 -3.17 -19.86 1.42
CA CYS F 61 -1.84 -20.32 1.81
C CYS F 61 -1.17 -19.28 2.70
N VAL F 62 -0.72 -19.71 3.88
CA VAL F 62 0.02 -18.82 4.76
C VAL F 62 1.41 -18.59 4.16
N MET F 63 1.78 -17.33 4.00
CA MET F 63 2.99 -16.99 3.28
C MET F 63 4.21 -17.06 4.19
N ASP F 64 5.21 -17.82 3.79
CA ASP F 64 6.47 -17.91 4.50
C ASP F 64 7.58 -18.19 3.48
N MET F 65 8.78 -18.49 3.97
CA MET F 65 9.90 -18.72 3.08
C MET F 65 9.70 -19.95 2.21
N TYR F 66 8.94 -20.94 2.70
CA TYR F 66 8.71 -22.17 1.96
C TYR F 66 7.52 -22.08 1.01
N MET F 67 6.43 -21.44 1.44
CA MET F 67 5.22 -21.37 0.64
C MET F 67 5.30 -20.37 -0.51
N ARG F 68 6.34 -19.54 -0.55
CA ARG F 68 6.46 -18.56 -1.64
C ARG F 68 6.91 -19.19 -2.94
N ARG F 69 7.60 -20.34 -2.89
CA ARG F 69 7.96 -21.07 -4.09
C ARG F 69 6.88 -22.05 -4.53
N LYS F 70 5.95 -22.40 -3.64
CA LYS F 70 4.91 -23.37 -3.96
C LYS F 70 3.74 -22.69 -4.67
N CYS F 71 3.07 -21.77 -4.00
CA CYS F 71 1.88 -21.13 -4.52
C CYS F 71 2.23 -19.71 -4.98
N GLN F 72 2.06 -19.45 -6.27
CA GLN F 72 2.32 -18.13 -6.84
C GLN F 72 1.13 -17.18 -6.73
N GLU F 73 -0.09 -17.70 -6.55
CA GLU F 73 -1.24 -16.83 -6.41
C GLU F 73 -1.23 -16.10 -5.07
N CYS F 74 -1.08 -16.84 -3.98
CA CYS F 74 -1.08 -16.22 -2.65
C CYS F 74 0.13 -15.32 -2.43
N ARG F 75 1.20 -15.50 -3.22
CA ARG F 75 2.35 -14.62 -3.11
C ARG F 75 2.06 -13.26 -3.74
N LEU F 76 1.53 -13.26 -4.97
CA LEU F 76 1.19 -12.01 -5.64
C LEU F 76 0.11 -11.26 -4.88
N ARG F 77 -0.84 -11.97 -4.29
CA ARG F 77 -1.87 -11.31 -3.49
C ARG F 77 -1.29 -10.70 -2.22
N LYS F 78 -0.33 -11.38 -1.60
CA LYS F 78 0.29 -10.85 -0.39
C LYS F 78 1.09 -9.58 -0.69
N CYS F 79 1.75 -9.52 -1.84
CA CYS F 79 2.54 -8.34 -2.19
C CYS F 79 1.64 -7.13 -2.41
N LYS F 80 0.54 -7.30 -3.13
CA LYS F 80 -0.40 -6.20 -3.33
C LYS F 80 -1.06 -5.80 -2.02
N GLU F 81 -1.19 -6.73 -1.07
CA GLU F 81 -1.74 -6.39 0.23
C GLU F 81 -0.73 -5.63 1.10
N MET F 82 0.56 -5.84 0.86
CA MET F 82 1.61 -5.14 1.59
C MET F 82 2.06 -3.85 0.90
N GLY F 83 1.33 -3.40 -0.12
CA GLY F 83 1.60 -2.12 -0.73
C GLY F 83 2.64 -2.11 -1.82
N MET F 84 2.82 -3.21 -2.55
CA MET F 84 3.77 -3.27 -3.65
C MET F 84 3.17 -2.56 -4.85
N LEU F 85 3.70 -1.37 -5.16
CA LEU F 85 3.20 -0.58 -6.28
C LEU F 85 3.86 -1.03 -7.58
N ALA F 86 3.10 -0.91 -8.68
CA ALA F 86 3.56 -1.34 -10.01
C ALA F 86 3.38 -0.18 -10.98
N GLU F 87 4.16 0.88 -10.78
CA GLU F 87 4.15 2.04 -11.67
C GLU F 87 5.43 2.15 -12.50
N CYS F 88 6.39 1.26 -12.29
CA CYS F 88 7.66 1.33 -13.00
C CYS F 88 7.60 0.53 -14.31
ZN ZN I . -14.59 31.15 4.89
ZN ZN J . -26.25 21.20 9.23
ZN ZN K . -10.13 11.21 1.24
ZN ZN L . 2.59 20.01 -0.52
ZN ZN M . 14.57 -32.26 2.02
ZN ZN N . 26.37 -22.89 7.62
ZN ZN O . 10.29 -12.10 0.91
ZN ZN P . -2.32 -20.47 -2.36
#